data_4NDG
#
_entry.id   4NDG
#
_cell.length_a   40.276
_cell.length_b   114.580
_cell.length_c   124.658
_cell.angle_alpha   90.000
_cell.angle_beta   90.000
_cell.angle_gamma   90.000
#
_symmetry.space_group_name_H-M   'P 21 21 21'
#
loop_
_entity.id
_entity.type
_entity.pdbx_description
1 polymer Aprataxin
2 polymer "5'-R(P*G)-D(P*TP*TP*AP*TP*GP*AP*TP*TP*C)-3'"
3 polymer "5'-D(*GP*AP*AP*TP*CP*AP*TP*AP*AP*C)-3'"
4 non-polymer "adenosine-5'-vanadate"
5 non-polymer 'ZINC ION'
6 water water
#
loop_
_entity_poly.entity_id
_entity_poly.type
_entity_poly.pdbx_seq_one_letter_code
_entity_poly.pdbx_strand_id
1 'polypeptide(L)'
;GSHMGHWSQGLKISMQDPKMQVYKDEQVVVIKDKYPKARYHWLVLPWTSISSLKAVAREHLELLKHMHTVGEKVIVDFAG
SSKLRFRLGYHAIPSMSHVHLHVISQDFDSPCLKNKKHWNSFNTEYFLESQAVIEMVQEAGRVTVRDGMPELLKLPLRCH
ECQQLLPSIPQLKEHLRKHWTQ
;
A,B
2 'polydeoxyribonucleotide/polyribonucleotide hybrid' G(DT)(DT)(DA)(DT)(DG)(DA)(DT)(DT)(DC) D,G
3 'polydeoxyribonucleotide' (DG)(DA)(DA)(DT)(DC)(DA)(DT)(DA)(DA)(DC) E,H
#
loop_
_chem_comp.id
_chem_comp.type
_chem_comp.name
_chem_comp.formula
DA DNA linking 2'-DEOXYADENOSINE-5'-MONOPHOSPHATE 'C10 H14 N5 O6 P'
DC DNA linking 2'-DEOXYCYTIDINE-5'-MONOPHOSPHATE 'C9 H14 N3 O7 P'
DG DNA linking 2'-DEOXYGUANOSINE-5'-MONOPHOSPHATE 'C10 H14 N5 O7 P'
DT DNA linking THYMIDINE-5'-MONOPHOSPHATE 'C10 H15 N2 O8 P'
G RNA linking GUANOSINE-5'-MONOPHOSPHATE 'C10 H14 N5 O8 P'
V5A non-polymer adenosine-5'-vanadate 'C10 H13 N5 O6 V'
ZN non-polymer 'ZINC ION' 'Zn 2'
#
# COMPACT_ATOMS: atom_id res chain seq x y z
N MET A 4 5.03 17.11 19.91
CA MET A 4 6.35 16.42 19.82
C MET A 4 6.55 15.53 21.05
N GLY A 5 7.75 15.02 21.18
CA GLY A 5 8.02 14.00 22.13
C GLY A 5 7.78 12.66 21.47
N HIS A 6 6.94 12.69 20.45
CA HIS A 6 6.61 11.50 19.67
C HIS A 6 7.84 11.02 18.94
N TRP A 7 8.08 9.72 18.97
CA TRP A 7 9.28 9.12 18.39
C TRP A 7 9.49 9.54 16.96
N SER A 8 8.39 9.71 16.22
CA SER A 8 8.48 10.07 14.81
C SER A 8 9.04 11.48 14.62
N GLN A 9 9.16 12.23 15.71
CA GLN A 9 9.72 13.58 15.65
C GLN A 9 11.19 13.60 16.05
N GLY A 10 11.69 12.44 16.48
CA GLY A 10 13.05 12.29 16.97
C GLY A 10 14.11 13.10 16.23
N LEU A 11 14.23 12.83 14.94
CA LEU A 11 15.24 13.49 14.10
C LEU A 11 15.20 15.01 14.27
N LYS A 12 13.99 15.56 14.23
CA LYS A 12 13.82 17.00 14.36
C LYS A 12 14.53 17.47 15.63
N ILE A 13 14.26 16.82 16.75
CA ILE A 13 14.89 17.26 17.97
C ILE A 13 16.40 17.13 17.85
N SER A 14 16.84 16.03 17.27
CA SER A 14 18.26 15.79 17.19
C SER A 14 18.94 16.82 16.30
N MET A 15 18.23 17.36 15.30
CA MET A 15 18.92 18.30 14.44
C MET A 15 19.18 19.58 15.22
N GLN A 16 18.30 19.89 16.18
CA GLN A 16 18.46 21.12 16.94
C GLN A 16 19.67 21.05 17.87
N ASP A 17 19.89 19.89 18.48
CA ASP A 17 20.97 19.70 19.44
C ASP A 17 22.34 19.92 18.80
N PRO A 18 23.10 20.91 19.29
CA PRO A 18 24.42 21.23 18.74
C PRO A 18 25.40 20.06 18.84
N LYS A 19 25.30 19.29 19.91
CA LYS A 19 26.20 18.18 20.17
C LYS A 19 26.08 17.14 19.06
N MET A 20 24.85 16.91 18.61
CA MET A 20 24.58 15.90 17.58
C MET A 20 24.94 16.37 16.19
N GLN A 21 25.12 17.68 16.03
CA GLN A 21 25.39 18.25 14.72
C GLN A 21 26.82 17.97 14.28
N VAL A 22 26.96 17.05 13.33
CA VAL A 22 28.25 16.73 12.73
C VAL A 22 28.65 17.79 11.74
N TYR A 23 27.69 18.25 10.95
CA TYR A 23 27.97 19.33 10.00
C TYR A 23 26.78 20.26 9.86
N LYS A 24 27.04 21.51 9.47
CA LYS A 24 25.97 22.49 9.35
C LYS A 24 26.29 23.60 8.35
N ASP A 25 25.28 24.01 7.58
CA ASP A 25 25.38 25.20 6.75
C ASP A 25 24.00 25.84 6.62
N GLU A 26 23.88 26.90 5.81
CA GLU A 26 22.60 27.63 5.76
C GLU A 26 21.42 26.80 5.24
N GLN A 27 21.69 25.73 4.50
CA GLN A 27 20.62 24.91 3.92
C GLN A 27 20.33 23.61 4.67
N VAL A 28 21.37 22.94 5.16
CA VAL A 28 21.18 21.62 5.75
C VAL A 28 21.99 21.40 7.01
N VAL A 29 21.76 20.26 7.63
CA VAL A 29 22.48 19.84 8.81
C VAL A 29 22.64 18.33 8.74
N VAL A 30 23.79 17.85 9.21
CA VAL A 30 24.14 16.44 9.14
C VAL A 30 24.40 15.88 10.52
N ILE A 31 23.71 14.79 10.82
CA ILE A 31 23.83 14.10 12.12
C ILE A 31 24.15 12.63 11.97
N LYS A 32 24.79 12.05 12.99
CA LYS A 32 25.01 10.61 12.98
C LYS A 32 23.69 9.90 13.21
N ASP A 33 23.44 8.83 12.46
CA ASP A 33 22.30 7.97 12.71
C ASP A 33 22.43 7.38 14.10
N LYS A 34 21.41 7.55 14.93
CA LYS A 34 21.44 7.11 16.32
C LYS A 34 21.51 5.58 16.46
N TYR A 35 21.06 4.87 15.44
CA TYR A 35 21.12 3.41 15.43
C TYR A 35 21.71 2.97 14.10
N PRO A 36 23.00 3.22 13.92
CA PRO A 36 23.68 3.08 12.62
C PRO A 36 23.63 1.64 12.09
N LYS A 37 23.39 1.52 10.79
CA LYS A 37 23.34 0.22 10.12
C LYS A 37 24.68 -0.11 9.46
N ALA A 38 25.71 0.65 9.80
CA ALA A 38 27.06 0.44 9.29
C ALA A 38 28.05 1.19 10.15
N ARG A 39 29.34 1.07 9.82
CA ARG A 39 30.37 1.76 10.61
CA ARG A 39 30.36 1.77 10.58
C ARG A 39 30.24 3.27 10.40
N TYR A 40 29.87 3.67 9.21
CA TYR A 40 29.59 5.08 8.91
C TYR A 40 28.18 5.24 8.39
N HIS A 41 27.35 5.95 9.16
CA HIS A 41 25.95 6.16 8.78
C HIS A 41 25.49 7.53 9.23
N TRP A 42 25.28 8.43 8.27
CA TRP A 42 24.82 9.77 8.58
C TRP A 42 23.48 10.05 7.92
N LEU A 43 22.78 11.01 8.49
CA LEU A 43 21.56 11.54 7.90
C LEU A 43 21.75 13.01 7.55
N VAL A 44 21.35 13.37 6.34
CA VAL A 44 21.37 14.75 5.90
C VAL A 44 19.94 15.27 5.90
N LEU A 45 19.75 16.43 6.50
CA LEU A 45 18.43 17.00 6.74
C LEU A 45 18.38 18.46 6.31
N PRO A 46 17.32 18.85 5.59
CA PRO A 46 17.23 20.29 5.24
C PRO A 46 16.58 21.10 6.34
N TRP A 47 17.06 22.33 6.58
CA TRP A 47 16.44 23.18 7.59
C TRP A 47 14.98 23.43 7.27
N THR A 48 14.70 23.70 5.99
CA THR A 48 13.31 23.84 5.58
C THR A 48 12.60 22.53 5.81
N SER A 49 11.48 22.60 6.50
CA SER A 49 10.70 21.42 6.80
C SER A 49 10.07 20.83 5.54
N ILE A 50 10.42 19.59 5.26
CA ILE A 50 9.76 18.87 4.19
C ILE A 50 9.32 17.57 4.81
N SER A 51 8.04 17.29 4.66
CA SER A 51 7.43 16.11 5.26
C SER A 51 7.96 14.85 4.61
N SER A 52 7.61 14.67 3.35
CA SER A 52 7.90 13.44 2.64
C SER A 52 8.36 13.72 1.21
N LEU A 53 8.86 12.68 0.56
CA LEU A 53 9.24 12.76 -0.85
C LEU A 53 8.04 12.97 -1.76
N LYS A 54 6.87 12.54 -1.32
CA LYS A 54 5.65 12.74 -2.12
C LYS A 54 5.40 14.22 -2.34
N ALA A 55 5.87 15.04 -1.39
CA ALA A 55 5.88 16.48 -1.54
C ALA A 55 7.21 17.01 -2.13
N VAL A 56 7.59 16.53 -3.30
CA VAL A 56 8.80 17.05 -3.94
C VAL A 56 8.51 17.60 -5.33
N ALA A 57 8.93 18.85 -5.53
CA ALA A 57 8.77 19.54 -6.81
C ALA A 57 10.07 20.24 -7.13
N ARG A 58 10.22 20.72 -8.36
CA ARG A 58 11.50 21.23 -8.85
C ARG A 58 12.08 22.32 -7.96
N GLU A 59 11.22 22.99 -7.21
CA GLU A 59 11.73 24.03 -6.32
C GLU A 59 12.65 23.44 -5.26
N HIS A 60 12.60 22.13 -5.07
CA HIS A 60 13.49 21.52 -4.10
C HIS A 60 14.73 20.94 -4.78
N LEU A 61 14.79 21.06 -6.11
CA LEU A 61 15.82 20.42 -6.91
C LEU A 61 17.21 20.79 -6.44
N GLU A 62 17.50 22.08 -6.43
CA GLU A 62 18.79 22.59 -5.98
C GLU A 62 19.08 22.02 -4.59
N LEU A 63 18.07 22.05 -3.72
CA LEU A 63 18.25 21.61 -2.36
C LEU A 63 18.72 20.16 -2.36
N LEU A 64 18.05 19.33 -3.15
CA LEU A 64 18.45 17.94 -3.25
C LEU A 64 19.92 17.86 -3.63
N LYS A 65 20.29 18.60 -4.67
CA LYS A 65 21.66 18.53 -5.16
C LYS A 65 22.60 18.92 -4.03
N HIS A 66 22.19 19.94 -3.27
CA HIS A 66 23.03 20.41 -2.18
C HIS A 66 23.24 19.28 -1.20
N MET A 67 22.14 18.61 -0.85
CA MET A 67 22.17 17.51 0.10
C MET A 67 23.13 16.46 -0.41
N HIS A 68 23.09 16.20 -1.72
CA HIS A 68 23.98 15.19 -2.24
C HIS A 68 25.40 15.63 -2.00
N THR A 69 25.69 16.87 -2.39
CA THR A 69 27.03 17.40 -2.33
C THR A 69 27.57 17.29 -0.91
N VAL A 70 26.79 17.81 0.03
CA VAL A 70 27.19 17.80 1.42
C VAL A 70 27.53 16.38 1.84
N GLY A 71 26.67 15.45 1.46
CA GLY A 71 26.88 14.05 1.78
C GLY A 71 28.30 13.65 1.40
N GLU A 72 28.66 13.85 0.14
CA GLU A 72 29.99 13.44 -0.28
C GLU A 72 31.05 14.09 0.57
N LYS A 73 30.88 15.39 0.83
CA LYS A 73 31.90 16.12 1.55
C LYS A 73 32.10 15.43 2.91
N VAL A 74 31.00 15.08 3.57
CA VAL A 74 31.07 14.44 4.89
C VAL A 74 31.98 13.22 4.83
N ILE A 75 31.77 12.41 3.81
CA ILE A 75 32.59 11.22 3.62
C ILE A 75 34.04 11.62 3.65
N VAL A 76 34.43 12.51 2.74
CA VAL A 76 35.82 12.90 2.60
C VAL A 76 36.34 13.45 3.92
N ASP A 77 35.46 14.09 4.68
CA ASP A 77 35.92 14.76 5.89
C ASP A 77 36.01 13.80 7.06
N PHE A 78 35.24 12.71 7.02
CA PHE A 78 35.17 11.82 8.18
C PHE A 78 35.42 10.36 7.86
N ALA A 79 35.70 10.07 6.59
CA ALA A 79 35.99 8.70 6.16
C ALA A 79 36.94 8.68 4.97
N GLY A 80 37.71 9.77 4.82
CA GLY A 80 38.68 9.86 3.74
C GLY A 80 39.73 8.79 3.91
N SER A 81 40.13 8.58 5.16
CA SER A 81 41.09 7.56 5.49
C SER A 81 40.48 6.18 5.25
N SER A 82 39.15 6.10 5.18
CA SER A 82 38.48 4.83 4.87
C SER A 82 38.57 4.40 3.41
N LYS A 83 38.71 3.09 3.21
CA LYS A 83 38.71 2.44 1.90
C LYS A 83 37.27 2.08 1.48
N LEU A 84 36.33 2.35 2.39
CA LEU A 84 34.93 1.94 2.26
C LEU A 84 34.15 2.57 1.11
N ARG A 85 33.33 1.77 0.45
CA ARG A 85 32.35 2.31 -0.49
C ARG A 85 31.17 2.95 0.23
N PHE A 86 30.62 3.99 -0.38
CA PHE A 86 29.48 4.68 0.21
C PHE A 86 28.32 4.76 -0.75
N ARG A 87 27.11 4.68 -0.21
CA ARG A 87 25.92 4.91 -1.02
C ARG A 87 25.09 6.01 -0.39
N LEU A 88 24.44 6.81 -1.24
CA LEU A 88 23.60 7.90 -0.78
C LEU A 88 22.22 7.74 -1.37
N GLY A 89 21.20 7.75 -0.52
CA GLY A 89 19.85 7.60 -1.03
C GLY A 89 18.75 7.75 0.01
N TYR A 90 17.51 7.58 -0.43
CA TYR A 90 16.36 7.70 0.45
C TYR A 90 15.57 6.42 0.53
N HIS A 91 14.86 6.23 1.63
CA HIS A 91 13.95 5.11 1.77
C HIS A 91 12.64 5.46 1.09
N ALA A 92 12.08 4.51 0.36
CA ALA A 92 10.82 4.72 -0.35
C ALA A 92 9.68 5.05 0.61
N ILE A 93 9.56 4.29 1.68
CA ILE A 93 8.56 4.58 2.70
C ILE A 93 9.24 4.86 4.03
N PRO A 94 9.27 6.13 4.43
CA PRO A 94 9.97 6.48 5.67
C PRO A 94 9.09 6.31 6.88
N SER A 95 9.70 6.00 8.02
CA SER A 95 8.96 5.86 9.26
C SER A 95 9.01 7.18 10.01
N MET A 96 10.18 7.82 10.02
CA MET A 96 10.35 9.10 10.69
C MET A 96 9.86 10.25 9.83
N SER A 97 9.33 11.28 10.48
CA SER A 97 8.91 12.48 9.78
C SER A 97 10.14 13.27 9.41
N HIS A 98 10.02 14.15 8.42
CA HIS A 98 11.09 15.04 7.96
C HIS A 98 12.02 14.22 7.05
N VAL A 99 12.12 14.63 5.78
CA VAL A 99 12.93 13.90 4.79
C VAL A 99 14.40 13.84 5.20
N HIS A 100 15.03 12.70 4.93
CA HIS A 100 16.41 12.51 5.34
C HIS A 100 17.20 11.68 4.33
N LEU A 101 18.34 12.20 3.92
CA LEU A 101 19.23 11.49 3.01
C LEU A 101 20.14 10.58 3.81
N HIS A 102 20.10 9.28 3.49
CA HIS A 102 21.00 8.31 4.09
C HIS A 102 22.35 8.36 3.39
N VAL A 103 23.39 8.55 4.18
CA VAL A 103 24.77 8.46 3.71
C VAL A 103 25.39 7.26 4.43
N ILE A 104 25.57 6.15 3.72
CA ILE A 104 25.91 4.93 4.45
C ILE A 104 26.99 4.06 3.79
N SER A 105 27.95 3.66 4.62
CA SER A 105 29.08 2.89 4.16
C SER A 105 28.62 1.46 3.91
N GLN A 106 29.21 0.83 2.90
CA GLN A 106 28.67 -0.42 2.37
C GLN A 106 29.18 -1.66 3.09
N ASP A 107 29.89 -1.45 4.20
CA ASP A 107 30.28 -2.56 5.05
C ASP A 107 29.06 -3.16 5.75
N PHE A 108 28.14 -2.33 6.22
CA PHE A 108 26.99 -2.82 6.98
C PHE A 108 27.44 -3.63 8.19
N ASP A 109 28.57 -3.23 8.76
CA ASP A 109 29.10 -3.84 9.96
C ASP A 109 28.60 -3.07 11.17
N SER A 110 27.50 -3.53 11.75
CA SER A 110 26.90 -2.84 12.90
C SER A 110 25.89 -3.70 13.63
N PRO A 111 25.92 -3.64 14.97
CA PRO A 111 25.00 -4.43 15.79
C PRO A 111 23.56 -3.96 15.65
N CYS A 112 23.35 -2.77 15.10
CA CYS A 112 22.01 -2.22 14.96
C CYS A 112 21.31 -2.75 13.73
N LEU A 113 22.07 -3.35 12.82
CA LEU A 113 21.48 -4.06 11.69
C LEU A 113 20.96 -5.40 12.19
N LYS A 114 19.70 -5.47 12.58
CA LYS A 114 19.19 -6.63 13.30
C LYS A 114 18.24 -7.56 12.55
N ASN A 115 17.56 -7.06 11.54
CA ASN A 115 16.54 -7.85 10.86
C ASN A 115 16.46 -7.64 9.35
N LYS A 116 15.71 -8.52 8.72
CA LYS A 116 15.50 -8.51 7.28
C LYS A 116 15.05 -7.13 6.77
N LYS A 117 14.20 -6.45 7.52
CA LYS A 117 13.69 -5.15 7.06
C LYS A 117 14.81 -4.13 6.92
N HIS A 118 15.77 -4.15 7.84
CA HIS A 118 16.91 -3.25 7.75
C HIS A 118 17.72 -3.52 6.47
N TRP A 119 18.11 -4.79 6.32
CA TRP A 119 18.96 -5.17 5.23
C TRP A 119 18.31 -4.86 3.89
N ASN A 120 17.04 -5.22 3.77
CA ASN A 120 16.30 -4.97 2.54
C ASN A 120 16.11 -3.48 2.30
N SER A 121 15.94 -2.73 3.38
CA SER A 121 15.75 -1.29 3.25
C SER A 121 16.99 -0.70 2.64
N PHE A 122 18.14 -1.31 2.87
CA PHE A 122 19.31 -0.72 2.22
C PHE A 122 19.80 -1.43 0.96
N ASN A 123 19.30 -2.61 0.66
CA ASN A 123 19.86 -3.37 -0.44
C ASN A 123 18.86 -3.88 -1.46
N THR A 124 17.82 -3.09 -1.67
CA THR A 124 16.84 -3.35 -2.72
C THR A 124 16.45 -2.03 -3.38
N GLU A 125 15.44 -2.08 -4.26
CA GLU A 125 14.96 -0.89 -4.93
C GLU A 125 14.36 0.10 -3.95
N TYR A 126 13.99 -0.42 -2.78
CA TYR A 126 13.45 0.36 -1.68
C TYR A 126 14.38 1.50 -1.34
N PHE A 127 15.67 1.30 -1.59
CA PHE A 127 16.68 2.33 -1.42
C PHE A 127 16.85 3.08 -2.75
N LEU A 128 16.21 4.25 -2.85
CA LEU A 128 16.28 5.11 -4.03
C LEU A 128 17.53 5.98 -4.02
N GLU A 129 18.49 5.67 -4.88
CA GLU A 129 19.73 6.44 -4.89
C GLU A 129 19.45 7.92 -5.14
N SER A 130 20.17 8.76 -4.40
CA SER A 130 20.02 10.21 -4.52
C SER A 130 20.11 10.70 -5.95
N GLN A 131 21.08 10.17 -6.69
CA GLN A 131 21.31 10.60 -8.06
C GLN A 131 20.06 10.37 -8.91
N ALA A 132 19.50 9.17 -8.77
CA ALA A 132 18.30 8.79 -9.50
C ALA A 132 17.15 9.72 -9.17
N VAL A 133 17.05 10.08 -7.89
CA VAL A 133 16.00 10.97 -7.42
C VAL A 133 16.14 12.34 -8.09
N ILE A 134 17.35 12.86 -8.04
CA ILE A 134 17.66 14.15 -8.63
C ILE A 134 17.31 14.19 -10.11
N GLU A 135 17.75 13.18 -10.87
CA GLU A 135 17.43 13.19 -12.28
C GLU A 135 15.93 13.11 -12.44
N MET A 136 15.30 12.31 -11.58
CA MET A 136 13.86 12.11 -11.64
C MET A 136 13.11 13.43 -11.51
N VAL A 137 13.52 14.26 -10.54
CA VAL A 137 12.93 15.58 -10.42
C VAL A 137 13.23 16.45 -11.63
N GLN A 138 14.48 16.44 -12.08
CA GLN A 138 14.87 17.28 -13.22
C GLN A 138 14.02 16.98 -14.47
N GLU A 139 13.73 15.71 -14.67
CA GLU A 139 13.07 15.21 -15.87
C GLU A 139 11.55 15.26 -15.74
N ALA A 140 11.03 14.96 -14.55
CA ALA A 140 9.59 14.91 -14.32
C ALA A 140 9.05 15.95 -13.33
N GLY A 141 9.92 16.57 -12.55
CA GLY A 141 9.49 17.52 -11.54
C GLY A 141 8.80 16.86 -10.37
N ARG A 142 8.87 15.53 -10.35
CA ARG A 142 8.21 14.71 -9.34
C ARG A 142 9.00 13.45 -9.06
N VAL A 143 8.76 12.85 -7.91
CA VAL A 143 9.44 11.62 -7.54
C VAL A 143 8.60 10.39 -7.90
N THR A 144 9.16 9.50 -8.71
CA THR A 144 8.40 8.32 -9.12
C THR A 144 8.74 7.12 -8.24
N VAL A 145 7.74 6.67 -7.47
CA VAL A 145 7.90 5.50 -6.63
C VAL A 145 7.09 4.35 -7.22
N ARG A 146 7.79 3.27 -7.55
CA ARG A 146 7.13 2.07 -8.06
C ARG A 146 6.42 1.37 -6.92
N ASP A 147 5.26 0.79 -7.19
CA ASP A 147 4.52 0.11 -6.15
C ASP A 147 5.18 -1.23 -5.84
N GLY A 148 4.87 -1.80 -4.69
CA GLY A 148 5.45 -3.06 -4.30
C GLY A 148 6.58 -2.86 -3.33
N MET A 149 6.65 -1.66 -2.76
CA MET A 149 7.72 -1.36 -1.83
C MET A 149 7.68 -2.21 -0.54
N PRO A 150 6.52 -2.28 0.14
CA PRO A 150 6.51 -3.04 1.40
C PRO A 150 6.96 -4.50 1.25
N GLU A 151 6.59 -5.13 0.13
CA GLU A 151 6.97 -6.50 -0.13
C GLU A 151 8.47 -6.70 -0.33
N LEU A 152 9.13 -5.69 -0.90
CA LEU A 152 10.58 -5.74 -1.09
C LEU A 152 11.31 -5.97 0.23
N LEU A 153 10.70 -5.51 1.31
CA LEU A 153 11.25 -5.67 2.65
C LEU A 153 11.20 -7.11 3.14
N LYS A 154 10.41 -7.94 2.46
CA LYS A 154 10.28 -9.34 2.86
C LYS A 154 11.12 -10.35 2.05
N LEU A 155 11.83 -9.86 1.04
CA LEU A 155 12.65 -10.70 0.15
C LEU A 155 13.78 -11.44 0.90
N PRO A 156 14.12 -12.65 0.44
CA PRO A 156 15.20 -13.43 1.05
C PRO A 156 16.52 -12.68 1.06
N LEU A 157 17.28 -12.85 2.14
CA LEU A 157 18.55 -12.15 2.34
C LEU A 157 19.60 -12.52 1.30
N ARG A 158 20.19 -11.51 0.68
CA ARG A 158 21.15 -11.68 -0.41
C ARG A 158 22.30 -10.71 -0.26
N CYS A 159 23.52 -11.22 -0.35
CA CYS A 159 24.72 -10.40 -0.20
C CYS A 159 24.85 -9.35 -1.31
N HIS A 160 25.14 -8.11 -0.93
CA HIS A 160 25.31 -7.04 -1.89
C HIS A 160 26.68 -7.12 -2.58
N GLU A 161 27.53 -8.01 -2.08
CA GLU A 161 28.90 -8.16 -2.57
C GLU A 161 29.05 -9.36 -3.50
N CYS A 162 28.78 -10.56 -3.01
CA CYS A 162 28.90 -11.76 -3.84
C CYS A 162 27.57 -12.26 -4.45
N GLN A 163 26.46 -11.63 -4.08
CA GLN A 163 25.13 -11.93 -4.63
C GLN A 163 24.66 -13.31 -4.20
N GLN A 164 25.21 -13.82 -3.11
CA GLN A 164 24.88 -15.16 -2.66
C GLN A 164 23.69 -15.07 -1.72
N LEU A 165 22.84 -16.09 -1.71
CA LEU A 165 21.69 -16.12 -0.82
C LEU A 165 22.11 -16.52 0.59
N LEU A 166 21.53 -15.88 1.61
CA LEU A 166 21.75 -16.26 3.00
C LEU A 166 20.41 -16.49 3.69
N PRO A 167 20.36 -17.45 4.62
CA PRO A 167 19.09 -17.84 5.27
C PRO A 167 18.71 -17.05 6.52
N SER A 168 19.64 -16.30 7.11
CA SER A 168 19.34 -15.54 8.31
C SER A 168 20.32 -14.40 8.52
N ILE A 169 19.93 -13.44 9.36
CA ILE A 169 20.80 -12.30 9.67
C ILE A 169 22.13 -12.71 10.31
N PRO A 170 22.12 -13.59 11.34
CA PRO A 170 23.42 -13.98 11.91
C PRO A 170 24.37 -14.57 10.86
N GLN A 171 23.83 -15.40 9.97
CA GLN A 171 24.60 -16.01 8.91
CA GLN A 171 24.64 -15.98 8.93
C GLN A 171 25.08 -14.97 7.88
N LEU A 172 24.24 -14.02 7.59
CA LEU A 172 24.56 -12.96 6.65
C LEU A 172 25.72 -12.13 7.20
N LYS A 173 25.66 -11.82 8.49
CA LYS A 173 26.71 -11.07 9.15
C LYS A 173 28.02 -11.85 9.12
N GLU A 174 27.95 -13.12 9.50
CA GLU A 174 29.15 -13.97 9.48
C GLU A 174 29.73 -13.99 8.08
N HIS A 175 28.85 -14.01 7.07
CA HIS A 175 29.31 -14.00 5.69
C HIS A 175 30.00 -12.69 5.32
N LEU A 176 29.42 -11.57 5.74
CA LEU A 176 29.97 -10.26 5.42
C LEU A 176 31.33 -10.03 6.06
N ARG A 177 31.50 -10.59 7.25
CA ARG A 177 32.76 -10.50 7.97
C ARG A 177 34.00 -10.73 7.11
N LYS A 178 33.87 -11.65 6.16
CA LYS A 178 35.01 -12.09 5.37
C LYS A 178 35.26 -11.18 4.16
N HIS A 179 34.25 -10.40 3.80
CA HIS A 179 34.38 -9.44 2.71
C HIS A 179 35.18 -8.21 3.18
N TRP A 180 35.43 -8.08 4.49
CA TRP A 180 36.13 -6.91 5.02
C TRP A 180 37.56 -6.88 4.60
N THR A 181 38.17 -8.06 4.59
CA THR A 181 39.53 -8.17 4.13
C THR A 181 39.69 -7.66 2.69
N MET B 4 -1.76 -8.40 -15.12
CA MET B 4 -1.99 -6.98 -14.86
C MET B 4 -0.95 -6.45 -13.88
N GLY B 5 -1.18 -5.25 -13.36
CA GLY B 5 -0.19 -4.57 -12.54
C GLY B 5 -0.31 -4.91 -11.07
N HIS B 6 0.48 -4.24 -10.24
CA HIS B 6 0.49 -4.49 -8.80
C HIS B 6 -0.85 -4.15 -8.14
N TRP B 7 -1.51 -3.12 -8.62
CA TRP B 7 -2.77 -2.67 -8.05
C TRP B 7 -3.80 -3.80 -7.96
N SER B 8 -3.79 -4.65 -8.98
CA SER B 8 -4.75 -5.75 -9.10
C SER B 8 -4.57 -6.83 -8.03
N GLN B 9 -3.48 -6.72 -7.24
CA GLN B 9 -3.25 -7.68 -6.16
C GLN B 9 -3.68 -7.12 -4.81
N GLY B 10 -4.11 -5.85 -4.81
CA GLY B 10 -4.47 -5.14 -3.59
C GLY B 10 -5.17 -5.94 -2.51
N LEU B 11 -6.29 -6.55 -2.85
CA LEU B 11 -7.09 -7.30 -1.89
C LEU B 11 -6.26 -8.31 -1.11
N LYS B 12 -5.43 -9.10 -1.82
CA LYS B 12 -4.61 -10.09 -1.13
C LYS B 12 -3.84 -9.45 0.01
N ILE B 13 -3.20 -8.32 -0.28
CA ILE B 13 -2.40 -7.64 0.72
C ILE B 13 -3.25 -7.24 1.91
N SER B 14 -4.44 -6.72 1.63
CA SER B 14 -5.33 -6.25 2.68
C SER B 14 -5.84 -7.37 3.58
N MET B 15 -5.85 -8.61 3.09
CA MET B 15 -6.46 -9.66 3.89
C MET B 15 -5.70 -9.95 5.19
N GLN B 16 -4.38 -9.82 5.15
CA GLN B 16 -3.53 -10.17 6.28
C GLN B 16 -3.56 -9.25 7.50
N ASP B 17 -3.60 -7.93 7.26
CA ASP B 17 -3.53 -6.93 8.33
C ASP B 17 -4.66 -7.08 9.34
N PRO B 18 -4.30 -7.27 10.64
CA PRO B 18 -5.36 -7.43 11.65
C PRO B 18 -6.26 -6.21 11.75
N LYS B 19 -5.69 -5.02 11.59
CA LYS B 19 -6.45 -3.79 11.73
C LYS B 19 -7.55 -3.66 10.69
N MET B 20 -7.27 -4.10 9.48
CA MET B 20 -8.25 -4.02 8.41
C MET B 20 -9.31 -5.13 8.52
N GLN B 21 -8.98 -6.20 9.23
CA GLN B 21 -9.89 -7.34 9.33
C GLN B 21 -11.04 -7.08 10.29
N VAL B 22 -12.22 -6.89 9.71
CA VAL B 22 -13.44 -6.74 10.47
C VAL B 22 -13.85 -8.11 11.00
N TYR B 23 -13.67 -9.13 10.17
CA TYR B 23 -14.01 -10.47 10.63
C TYR B 23 -13.03 -11.50 10.08
N LYS B 24 -12.89 -12.62 10.79
CA LYS B 24 -12.01 -13.68 10.33
C LYS B 24 -12.43 -15.03 10.89
N ASP B 25 -12.46 -16.03 10.02
CA ASP B 25 -12.61 -17.40 10.45
C ASP B 25 -11.85 -18.28 9.46
N GLU B 26 -11.91 -19.59 9.66
CA GLU B 26 -11.13 -20.52 8.87
C GLU B 26 -11.43 -20.53 7.41
N GLN B 27 -12.67 -20.17 7.09
CA GLN B 27 -13.08 -20.25 5.70
C GLN B 27 -12.91 -18.91 5.01
N VAL B 28 -13.18 -17.83 5.72
CA VAL B 28 -13.19 -16.50 5.11
C VAL B 28 -12.63 -15.39 6.00
N VAL B 29 -12.54 -14.19 5.42
CA VAL B 29 -12.12 -12.98 6.10
C VAL B 29 -12.89 -11.82 5.51
N VAL B 30 -13.27 -10.86 6.33
CA VAL B 30 -14.06 -9.72 5.88
C VAL B 30 -13.39 -8.39 6.21
N ILE B 31 -13.21 -7.56 5.18
CA ILE B 31 -12.56 -6.26 5.34
C ILE B 31 -13.39 -5.14 4.73
N LYS B 32 -13.25 -3.92 5.25
CA LYS B 32 -13.97 -2.78 4.72
C LYS B 32 -13.45 -2.38 3.35
N ASP B 33 -14.35 -2.05 2.44
CA ASP B 33 -13.96 -1.53 1.14
C ASP B 33 -13.15 -0.25 1.33
N LYS B 34 -11.94 -0.21 0.78
CA LYS B 34 -11.06 0.94 0.95
C LYS B 34 -11.65 2.17 0.28
N TYR B 35 -12.55 1.95 -0.68
CA TYR B 35 -13.24 3.05 -1.32
C TYR B 35 -14.74 2.74 -1.37
N PRO B 36 -15.38 2.77 -0.20
CA PRO B 36 -16.76 2.26 -0.04
C PRO B 36 -17.75 2.94 -0.96
N LYS B 37 -18.66 2.17 -1.54
CA LYS B 37 -19.63 2.73 -2.47
C LYS B 37 -20.93 3.06 -1.73
N ALA B 38 -20.87 3.01 -0.41
CA ALA B 38 -22.03 3.29 0.42
C ALA B 38 -21.60 3.56 1.85
N ARG B 39 -22.57 3.87 2.71
CA ARG B 39 -22.29 4.09 4.12
C ARG B 39 -21.62 2.85 4.74
N TYR B 40 -22.15 1.68 4.40
CA TYR B 40 -21.57 0.42 4.83
C TYR B 40 -21.25 -0.42 3.59
N HIS B 41 -19.98 -0.76 3.41
CA HIS B 41 -19.54 -1.55 2.26
C HIS B 41 -18.41 -2.47 2.64
N TRP B 42 -18.69 -3.77 2.66
CA TRP B 42 -17.69 -4.75 3.04
C TRP B 42 -17.39 -5.73 1.92
N LEU B 43 -16.20 -6.30 1.98
CA LEU B 43 -15.78 -7.36 1.08
C LEU B 43 -15.53 -8.64 1.85
N VAL B 44 -16.14 -9.72 1.37
CA VAL B 44 -15.92 -11.03 1.95
C VAL B 44 -15.04 -11.86 1.03
N LEU B 45 -13.97 -12.41 1.62
CA LEU B 45 -12.97 -13.10 0.83
C LEU B 45 -12.69 -14.47 1.41
N PRO B 46 -12.59 -15.50 0.55
CA PRO B 46 -12.26 -16.85 1.00
C PRO B 46 -10.74 -17.09 1.08
N TRP B 47 -10.28 -17.77 2.13
CA TRP B 47 -8.86 -18.08 2.31
C TRP B 47 -8.30 -18.91 1.16
N THR B 48 -9.12 -19.82 0.63
CA THR B 48 -8.75 -20.56 -0.55
C THR B 48 -8.51 -19.56 -1.67
N SER B 49 -7.40 -19.67 -2.40
CA SER B 49 -7.15 -18.77 -3.51
C SER B 49 -8.15 -19.09 -4.65
N ILE B 50 -9.03 -18.12 -4.92
CA ILE B 50 -10.00 -18.09 -5.99
C ILE B 50 -10.12 -16.66 -6.59
N SER B 51 -10.14 -16.80 -7.92
CA SER B 51 -10.39 -15.73 -8.89
C SER B 51 -11.77 -15.65 -9.58
N SER B 52 -12.00 -16.40 -10.67
CA SER B 52 -13.16 -16.13 -11.50
C SER B 52 -14.40 -16.89 -11.06
N LEU B 53 -15.56 -16.33 -11.37
CA LEU B 53 -16.83 -17.01 -11.16
C LEU B 53 -17.11 -18.02 -12.25
N LYS B 54 -16.58 -17.76 -13.44
CA LYS B 54 -16.71 -18.70 -14.54
C LYS B 54 -15.92 -19.96 -14.17
N ALA B 55 -14.84 -19.75 -13.42
CA ALA B 55 -14.07 -20.84 -12.87
C ALA B 55 -14.65 -21.25 -11.53
N VAL B 56 -15.93 -21.58 -11.56
CA VAL B 56 -16.64 -22.07 -10.39
C VAL B 56 -17.35 -23.37 -10.69
N ALA B 57 -17.16 -24.34 -9.81
CA ALA B 57 -17.80 -25.62 -9.95
C ALA B 57 -18.35 -26.01 -8.59
N ARG B 58 -19.14 -27.08 -8.58
CA ARG B 58 -19.92 -27.48 -7.42
C ARG B 58 -19.20 -27.52 -6.07
N GLU B 59 -17.91 -27.82 -6.08
CA GLU B 59 -17.20 -27.99 -4.81
C GLU B 59 -17.03 -26.72 -3.98
N HIS B 60 -17.28 -25.55 -4.56
CA HIS B 60 -17.16 -24.31 -3.81
C HIS B 60 -18.51 -23.83 -3.27
N LEU B 61 -19.54 -24.64 -3.54
CA LEU B 61 -20.92 -24.26 -3.25
C LEU B 61 -21.09 -23.84 -1.77
N GLU B 62 -20.70 -24.72 -0.85
CA GLU B 62 -20.81 -24.41 0.58
C GLU B 62 -20.12 -23.08 0.94
N LEU B 63 -18.93 -22.89 0.39
CA LEU B 63 -18.15 -21.71 0.72
C LEU B 63 -18.96 -20.47 0.38
N LEU B 64 -19.63 -20.51 -0.77
CA LEU B 64 -20.46 -19.41 -1.18
C LEU B 64 -21.43 -19.06 -0.06
N LYS B 65 -22.15 -20.08 0.40
CA LYS B 65 -23.17 -19.89 1.41
C LYS B 65 -22.55 -19.34 2.68
N HIS B 66 -21.37 -19.84 3.04
CA HIS B 66 -20.72 -19.38 4.25
C HIS B 66 -20.47 -17.90 4.14
N MET B 67 -19.93 -17.49 2.99
CA MET B 67 -19.62 -16.08 2.78
C MET B 67 -20.90 -15.29 2.98
N HIS B 68 -21.99 -15.80 2.40
CA HIS B 68 -23.26 -15.11 2.43
C HIS B 68 -23.63 -14.91 3.89
N THR B 69 -23.59 -16.00 4.65
CA THR B 69 -23.98 -15.98 6.05
C THR B 69 -23.15 -14.93 6.78
N VAL B 70 -21.85 -15.01 6.58
CA VAL B 70 -20.91 -14.12 7.26
C VAL B 70 -21.28 -12.67 6.99
N GLY B 71 -21.57 -12.40 5.72
CA GLY B 71 -21.95 -11.06 5.31
C GLY B 71 -23.05 -10.57 6.20
N GLU B 72 -24.12 -11.36 6.26
CA GLU B 72 -25.31 -11.01 7.00
C GLU B 72 -24.93 -10.72 8.44
N LYS B 73 -24.06 -11.58 8.98
CA LYS B 73 -23.66 -11.41 10.36
C LYS B 73 -23.06 -10.04 10.58
N VAL B 74 -22.13 -9.68 9.70
CA VAL B 74 -21.43 -8.40 9.78
C VAL B 74 -22.46 -7.29 9.81
N ILE B 75 -23.45 -7.43 8.93
CA ILE B 75 -24.53 -6.47 8.86
C ILE B 75 -25.12 -6.28 10.24
N VAL B 76 -25.60 -7.38 10.83
CA VAL B 76 -26.25 -7.33 12.12
C VAL B 76 -25.32 -6.67 13.14
N ASP B 77 -24.02 -6.85 12.96
CA ASP B 77 -23.08 -6.39 13.96
C ASP B 77 -22.80 -4.90 13.87
N PHE B 78 -22.92 -4.31 12.67
CA PHE B 78 -22.45 -2.94 12.56
C PHE B 78 -23.46 -1.99 11.94
N ALA B 79 -24.61 -2.51 11.54
CA ALA B 79 -25.65 -1.68 10.96
C ALA B 79 -27.01 -2.27 11.24
N GLY B 80 -27.09 -3.08 12.30
CA GLY B 80 -28.34 -3.69 12.69
C GLY B 80 -29.38 -2.65 13.07
N SER B 81 -28.94 -1.66 13.83
CA SER B 81 -29.83 -0.58 14.27
C SER B 81 -30.21 0.33 13.10
N SER B 82 -29.38 0.30 12.06
CA SER B 82 -29.63 1.08 10.86
C SER B 82 -30.83 0.47 10.17
N LYS B 83 -31.61 1.28 9.48
CA LYS B 83 -32.77 0.75 8.77
C LYS B 83 -32.30 0.07 7.51
N LEU B 84 -31.05 0.33 7.16
CA LEU B 84 -30.57 0.12 5.79
C LEU B 84 -30.75 -1.30 5.28
N ARG B 85 -31.25 -1.39 4.06
CA ARG B 85 -31.29 -2.64 3.34
C ARG B 85 -29.89 -2.97 2.83
N PHE B 86 -29.58 -4.26 2.77
CA PHE B 86 -28.29 -4.69 2.28
C PHE B 86 -28.40 -5.66 1.12
N ARG B 87 -27.45 -5.55 0.20
CA ARG B 87 -27.39 -6.49 -0.91
C ARG B 87 -26.04 -7.18 -0.97
N LEU B 88 -26.07 -8.45 -1.36
CA LEU B 88 -24.87 -9.26 -1.45
C LEU B 88 -24.72 -9.87 -2.83
N GLY B 89 -23.58 -9.65 -3.46
CA GLY B 89 -23.38 -10.23 -4.78
C GLY B 89 -22.00 -10.07 -5.37
N TYR B 90 -21.85 -10.55 -6.59
CA TYR B 90 -20.58 -10.48 -7.29
C TYR B 90 -20.72 -9.69 -8.59
N HIS B 91 -19.62 -9.12 -9.04
CA HIS B 91 -19.59 -8.44 -10.33
C HIS B 91 -19.37 -9.44 -11.47
N ALA B 92 -20.07 -9.22 -12.58
CA ALA B 92 -19.96 -10.09 -13.75
C ALA B 92 -18.52 -10.08 -14.29
N ILE B 93 -17.95 -8.89 -14.44
CA ILE B 93 -16.55 -8.74 -14.81
C ILE B 93 -15.79 -8.06 -13.68
N PRO B 94 -14.95 -8.84 -12.99
CA PRO B 94 -14.17 -8.26 -11.89
C PRO B 94 -12.87 -7.68 -12.40
N SER B 95 -12.38 -6.63 -11.78
CA SER B 95 -11.13 -5.99 -12.17
C SER B 95 -9.97 -6.52 -11.35
N MET B 96 -10.20 -6.66 -10.04
CA MET B 96 -9.21 -7.14 -9.11
C MET B 96 -9.08 -8.65 -9.17
N SER B 97 -7.90 -9.14 -8.82
CA SER B 97 -7.70 -10.58 -8.71
C SER B 97 -8.41 -11.00 -7.43
N HIS B 98 -8.72 -12.28 -7.32
CA HIS B 98 -9.33 -12.81 -6.17
C HIS B 98 -10.90 -12.56 -6.06
N VAL B 99 -11.69 -13.64 -6.02
CA VAL B 99 -13.15 -13.52 -5.95
C VAL B 99 -13.53 -12.83 -4.64
N HIS B 100 -14.53 -11.96 -4.69
CA HIS B 100 -14.91 -11.14 -3.55
C HIS B 100 -16.39 -10.90 -3.51
N LEU B 101 -17.01 -11.21 -2.38
CA LEU B 101 -18.43 -10.95 -2.24
C LEU B 101 -18.63 -9.54 -1.75
N HIS B 102 -19.38 -8.76 -2.53
CA HIS B 102 -19.75 -7.42 -2.13
C HIS B 102 -20.93 -7.50 -1.21
N VAL B 103 -20.77 -6.92 -0.02
CA VAL B 103 -21.86 -6.75 0.93
C VAL B 103 -22.09 -5.27 1.13
N ILE B 104 -23.17 -4.74 0.57
CA ILE B 104 -23.29 -3.29 0.50
C ILE B 104 -24.68 -2.73 0.79
N SER B 105 -24.71 -1.68 1.59
CA SER B 105 -25.98 -1.07 2.01
C SER B 105 -26.58 -0.28 0.87
N GLN B 106 -27.90 -0.25 0.82
CA GLN B 106 -28.60 0.24 -0.36
C GLN B 106 -28.84 1.75 -0.38
N ASP B 107 -28.22 2.46 0.55
CA ASP B 107 -28.23 3.92 0.51
C ASP B 107 -27.36 4.44 -0.64
N PHE B 108 -26.22 3.81 -0.84
CA PHE B 108 -25.22 4.25 -1.81
C PHE B 108 -24.82 5.71 -1.58
N ASP B 109 -24.85 6.14 -0.34
CA ASP B 109 -24.42 7.50 -0.02
C ASP B 109 -22.95 7.49 0.39
N SER B 110 -22.08 7.84 -0.57
CA SER B 110 -20.65 7.85 -0.34
C SER B 110 -19.95 8.68 -1.41
N PRO B 111 -18.94 9.47 -1.01
CA PRO B 111 -18.19 10.30 -1.95
C PRO B 111 -17.35 9.47 -2.93
N CYS B 112 -17.20 8.18 -2.64
CA CYS B 112 -16.42 7.30 -3.51
C CYS B 112 -17.23 6.76 -4.69
N LEU B 113 -18.55 6.89 -4.61
CA LEU B 113 -19.41 6.59 -5.75
C LEU B 113 -19.31 7.76 -6.72
N LYS B 114 -18.40 7.67 -7.68
CA LYS B 114 -18.07 8.83 -8.48
C LYS B 114 -18.59 8.79 -9.91
N ASN B 115 -18.88 7.60 -10.42
CA ASN B 115 -19.21 7.51 -11.84
C ASN B 115 -20.31 6.51 -12.15
N LYS B 116 -20.80 6.60 -13.37
CA LYS B 116 -21.83 5.73 -13.88
C LYS B 116 -21.44 4.25 -13.76
N LYS B 117 -20.17 3.92 -13.97
CA LYS B 117 -19.75 2.52 -13.90
C LYS B 117 -19.95 1.92 -12.52
N HIS B 118 -19.67 2.69 -11.47
CA HIS B 118 -19.88 2.22 -10.11
C HIS B 118 -21.34 1.92 -9.87
N TRP B 119 -22.16 2.92 -10.17
CA TRP B 119 -23.58 2.83 -9.90
C TRP B 119 -24.19 1.69 -10.67
N ASN B 120 -23.87 1.58 -11.95
CA ASN B 120 -24.42 0.52 -12.77
C ASN B 120 -23.90 -0.86 -12.37
N SER B 121 -22.65 -0.91 -11.94
CA SER B 121 -22.06 -2.17 -11.50
C SER B 121 -22.80 -2.66 -10.27
N PHE B 122 -23.39 -1.74 -9.49
CA PHE B 122 -24.16 -2.21 -8.34
C PHE B 122 -25.70 -2.19 -8.51
N ASN B 123 -26.21 -1.59 -9.57
CA ASN B 123 -27.66 -1.49 -9.72
C ASN B 123 -28.19 -1.93 -11.07
N THR B 124 -27.54 -2.90 -11.69
CA THR B 124 -28.08 -3.52 -12.89
C THR B 124 -27.83 -5.01 -12.81
N GLU B 125 -28.14 -5.71 -13.90
CA GLU B 125 -27.92 -7.16 -13.97
C GLU B 125 -26.43 -7.47 -13.86
N TYR B 126 -25.60 -6.46 -14.09
CA TYR B 126 -24.15 -6.61 -13.96
C TYR B 126 -23.82 -7.18 -12.58
N PHE B 127 -24.67 -6.82 -11.61
CA PHE B 127 -24.54 -7.29 -10.24
C PHE B 127 -25.29 -8.60 -10.05
N LEU B 128 -24.54 -9.70 -10.08
CA LEU B 128 -25.12 -11.03 -9.88
C LEU B 128 -25.29 -11.34 -8.40
N GLU B 129 -26.54 -11.34 -7.95
CA GLU B 129 -26.86 -11.56 -6.54
C GLU B 129 -26.31 -12.90 -6.10
N SER B 130 -25.74 -12.93 -4.90
CA SER B 130 -25.14 -14.15 -4.35
C SER B 130 -26.12 -15.32 -4.42
N GLN B 131 -27.36 -15.08 -4.06
CA GLN B 131 -28.38 -16.12 -4.09
C GLN B 131 -28.56 -16.68 -5.48
N ALA B 132 -28.69 -15.79 -6.45
CA ALA B 132 -28.87 -16.19 -7.84
C ALA B 132 -27.68 -17.02 -8.31
N VAL B 133 -26.49 -16.64 -7.88
CA VAL B 133 -25.27 -17.36 -8.22
C VAL B 133 -25.29 -18.76 -7.66
N ILE B 134 -25.58 -18.83 -6.37
CA ILE B 134 -25.64 -20.08 -5.64
C ILE B 134 -26.62 -21.05 -6.29
N GLU B 135 -27.81 -20.55 -6.58
CA GLU B 135 -28.86 -21.32 -7.25
C GLU B 135 -28.45 -21.77 -8.65
N MET B 136 -27.81 -20.85 -9.36
CA MET B 136 -27.34 -21.09 -10.72
C MET B 136 -26.40 -22.28 -10.73
N VAL B 137 -25.48 -22.29 -9.79
CA VAL B 137 -24.59 -23.44 -9.62
C VAL B 137 -25.41 -24.65 -9.23
N GLN B 138 -26.39 -24.45 -8.35
CA GLN B 138 -27.16 -25.55 -7.82
C GLN B 138 -27.77 -26.39 -8.94
N GLU B 139 -28.28 -25.74 -9.99
CA GLU B 139 -28.85 -26.54 -11.06
C GLU B 139 -27.84 -26.87 -12.16
N ALA B 140 -26.99 -25.92 -12.52
CA ALA B 140 -26.15 -26.12 -13.71
C ALA B 140 -24.72 -26.41 -13.31
N GLY B 141 -24.38 -26.11 -12.06
CA GLY B 141 -23.03 -26.31 -11.56
C GLY B 141 -22.02 -25.35 -12.15
N ARG B 142 -22.51 -24.39 -12.94
CA ARG B 142 -21.65 -23.41 -13.58
C ARG B 142 -22.36 -22.08 -13.71
N VAL B 143 -21.58 -21.01 -13.75
CA VAL B 143 -22.16 -19.68 -13.84
C VAL B 143 -22.17 -19.21 -15.29
N THR B 144 -23.36 -18.96 -15.80
CA THR B 144 -23.53 -18.46 -17.16
C THR B 144 -23.79 -16.98 -17.13
N VAL B 145 -22.97 -16.24 -17.87
CA VAL B 145 -23.09 -14.79 -17.91
C VAL B 145 -23.90 -14.37 -19.13
N ARG B 146 -25.03 -13.71 -18.89
CA ARG B 146 -25.81 -13.22 -20.01
C ARG B 146 -25.07 -12.00 -20.50
N ASP B 147 -24.51 -12.09 -21.70
CA ASP B 147 -23.63 -11.05 -22.16
C ASP B 147 -24.41 -9.82 -22.59
N GLY B 148 -23.72 -8.70 -22.73
CA GLY B 148 -24.35 -7.41 -22.92
C GLY B 148 -24.14 -6.56 -21.68
N MET B 149 -23.13 -6.95 -20.91
CA MET B 149 -22.74 -6.27 -19.67
C MET B 149 -22.20 -4.84 -19.83
N PRO B 150 -21.26 -4.61 -20.78
CA PRO B 150 -20.70 -3.26 -20.89
C PRO B 150 -21.77 -2.20 -21.16
N GLU B 151 -22.76 -2.61 -21.95
CA GLU B 151 -23.86 -1.74 -22.31
C GLU B 151 -24.61 -1.37 -21.04
N LEU B 152 -24.75 -2.35 -20.14
CA LEU B 152 -25.35 -2.09 -18.84
C LEU B 152 -24.52 -1.11 -18.02
N LEU B 153 -23.19 -1.20 -18.17
CA LEU B 153 -22.34 -0.27 -17.43
C LEU B 153 -22.45 1.15 -17.98
N LYS B 154 -22.98 1.28 -19.20
CA LYS B 154 -23.18 2.61 -19.77
C LYS B 154 -24.61 3.11 -19.61
N LEU B 155 -25.49 2.28 -19.04
CA LEU B 155 -26.90 2.64 -18.92
C LEU B 155 -27.11 3.94 -18.14
N PRO B 156 -28.12 4.72 -18.54
CA PRO B 156 -28.48 5.99 -17.88
C PRO B 156 -28.75 5.83 -16.40
N LEU B 157 -28.37 6.84 -15.63
CA LEU B 157 -28.50 6.81 -14.17
C LEU B 157 -29.94 6.68 -13.74
N ARG B 158 -30.21 5.67 -12.92
CA ARG B 158 -31.58 5.34 -12.62
C ARG B 158 -31.75 4.89 -11.17
N CYS B 159 -32.68 5.53 -10.45
CA CYS B 159 -32.85 5.25 -9.03
C CYS B 159 -33.28 3.80 -8.83
N HIS B 160 -32.62 3.12 -7.91
CA HIS B 160 -32.94 1.73 -7.67
C HIS B 160 -34.21 1.58 -6.86
N GLU B 161 -34.75 2.69 -6.36
CA GLU B 161 -35.96 2.62 -5.54
C GLU B 161 -37.19 3.18 -6.26
N CYS B 162 -37.19 4.49 -6.53
CA CYS B 162 -38.37 5.15 -7.09
C CYS B 162 -38.29 5.02 -8.60
N GLN B 163 -37.18 4.47 -9.06
CA GLN B 163 -37.07 4.08 -10.44
C GLN B 163 -37.09 5.23 -11.48
N GLN B 164 -36.60 6.39 -11.05
CA GLN B 164 -36.55 7.60 -11.87
C GLN B 164 -35.18 7.83 -12.55
N LEU B 165 -35.19 8.44 -13.74
CA LEU B 165 -33.94 8.75 -14.44
C LEU B 165 -33.27 9.99 -13.83
N LEU B 166 -31.95 9.94 -13.73
CA LEU B 166 -31.18 11.08 -13.24
C LEU B 166 -30.11 11.46 -14.25
N PRO B 167 -29.82 12.76 -14.36
CA PRO B 167 -28.89 13.23 -15.39
C PRO B 167 -27.43 13.18 -14.95
N SER B 168 -27.16 13.08 -13.65
CA SER B 168 -25.78 13.10 -13.17
C SER B 168 -25.65 12.46 -11.80
N ILE B 169 -24.41 12.08 -11.47
CA ILE B 169 -24.11 11.48 -10.19
C ILE B 169 -24.46 12.39 -9.00
N PRO B 170 -24.08 13.69 -9.05
CA PRO B 170 -24.48 14.54 -7.92
C PRO B 170 -25.99 14.59 -7.71
N GLN B 171 -26.73 14.72 -8.79
CA GLN B 171 -28.19 14.82 -8.72
C GLN B 171 -28.81 13.50 -8.32
N LEU B 172 -28.15 12.40 -8.69
CA LEU B 172 -28.59 11.09 -8.24
C LEU B 172 -28.45 11.00 -6.73
N LYS B 173 -27.32 11.50 -6.22
CA LYS B 173 -27.07 11.50 -4.79
C LYS B 173 -28.13 12.30 -4.04
N GLU B 174 -28.37 13.51 -4.52
CA GLU B 174 -29.40 14.35 -3.92
C GLU B 174 -30.77 13.70 -3.99
N HIS B 175 -31.05 13.01 -5.08
CA HIS B 175 -32.32 12.32 -5.20
C HIS B 175 -32.45 11.23 -4.14
N LEU B 176 -31.36 10.51 -3.93
CA LEU B 176 -31.32 9.43 -2.97
C LEU B 176 -31.51 9.92 -1.54
N ARG B 177 -30.99 11.11 -1.27
CA ARG B 177 -31.11 11.71 0.06
C ARG B 177 -32.49 11.61 0.71
N LYS B 178 -33.56 11.71 -0.10
CA LYS B 178 -34.90 11.73 0.47
C LYS B 178 -35.45 10.36 0.80
N HIS B 179 -34.80 9.31 0.33
CA HIS B 179 -35.32 7.98 0.55
C HIS B 179 -35.20 7.52 2.01
N TRP B 180 -34.56 8.32 2.85
CA TRP B 180 -34.50 8.03 4.28
C TRP B 180 -35.35 9.00 5.12
OV2 V5A G . 14.26 6.61 6.05
V V5A G . 14.17 6.79 7.61
OV1 V5A G . 12.78 6.98 8.31
O5' V5A G . 15.59 6.88 8.48
C5' V5A G . 15.41 6.76 9.89
C4' V5A G . 16.73 6.56 10.57
C3' V5A G . 16.99 5.17 11.17
O3' V5A G . 18.21 4.65 10.67
C2' V5A G . 17.12 5.42 12.67
O2' V5A G . 18.06 4.59 13.32
C1' V5A G . 17.55 6.88 12.73
O4' V5A G . 16.87 7.50 11.66
N9 V5A G . 17.13 7.59 13.94
C4 V5A G . 17.76 8.67 14.53
C5 V5A G . 16.99 9.02 15.64
N7 V5A G . 15.94 8.15 15.69
C8 V5A G . 16.02 7.32 14.68
N3 V5A G . 18.86 9.38 14.26
C2 V5A G . 19.22 10.39 15.04
N1 V5A G . 18.52 10.75 16.10
C6 V5A G . 17.41 10.10 16.44
N6 V5A G . 16.68 10.48 17.55
ZN ZN H . 29.16 -12.03 -0.21
OV2 V5A I . -15.56 -7.16 -8.18
V V5A I . -14.32 -6.27 -7.83
OV1 V5A I . -12.97 -6.36 -8.60
O5' V5A I . -14.49 -5.20 -6.57
C5' V5A I . -13.23 -4.77 -6.08
C4' V5A I . -13.40 -3.80 -4.94
C3' V5A I . -13.67 -2.34 -5.35
O3' V5A I . -14.99 -1.97 -4.97
C2' V5A I . -12.66 -1.53 -4.52
O2' V5A I . -13.22 -0.38 -3.89
C1' V5A I . -12.16 -2.52 -3.48
O4' V5A I . -12.22 -3.77 -4.13
N9 V5A I . -10.77 -2.31 -3.08
C4 V5A I . -10.29 -2.41 -1.80
C5 V5A I . -8.92 -2.12 -1.90
N7 V5A I . -8.65 -1.88 -3.20
C8 V5A I . -9.74 -1.99 -3.90
N3 V5A I . -10.82 -2.69 -0.62
C2 V5A I . -10.07 -2.70 0.46
N1 V5A I . -8.78 -2.44 0.42
C6 V5A I . -8.16 -2.15 -0.71
N6 V5A I . -6.81 -1.88 -0.75
ZN ZN J . -35.63 7.40 -6.08
#